data_2VMD
#
_entry.id   2VMD
#
_cell.length_a   81.140
_cell.length_b   81.140
_cell.length_c   259.280
_cell.angle_alpha   90.00
_cell.angle_beta   90.00
_cell.angle_gamma   120.00
#
_symmetry.space_group_name_H-M   'H 3 2'
#
loop_
_entity.id
_entity.type
_entity.pdbx_description
1 polymer DISCOIDIN-2
2 non-polymer 'CHLORIDE ION'
3 non-polymer 'CALCIUM ION'
4 non-polymer 'methyl beta-D-galactopyranoside'
5 non-polymer 2-(2-{2-[2-(2-METHOXY-ETHOXY)-ETHOXY]-ETHOXY}-ETHOXY)-ETHANOL
6 non-polymer 1,2-ETHANEDIOL
7 water water
#
_entity_poly.entity_id   1
_entity_poly.type   'polypeptide(L)'
_entity_poly.pdbx_seq_one_letter_code
;MSVPAGSVSCLANALLNLRSSTDYNADHGVKNSILNFSNSKDASRFDGSESWSSSVLDKNQFIVAGSDSVKHFVAISTQG
RGDHDQWVTSYKLRYTLDNVNWVEYNNGEIINANKDRNSIVTINFNPPIKARSIAIHPQTYNNHISLRWELYALPVKSYS
NPSVQVGEVSIGDRSLNSGTGSRTIVRHVKFPVEFLSVPIVSIGCKKVDAHTDNGQMRWEGKSENITTKGFDLTFITWGN
NAVYDLTFDYVAVEFNN
;
_entity_poly.pdbx_strand_id   A
#
# COMPACT_ATOMS: atom_id res chain seq x y z
N GLY A 6 12.73 -0.99 -10.15
CA GLY A 6 12.51 0.34 -9.52
C GLY A 6 11.72 0.21 -8.23
N SER A 7 12.24 0.83 -7.17
CA SER A 7 11.47 0.99 -5.97
C SER A 7 10.83 2.35 -6.10
N VAL A 8 10.05 2.73 -5.12
CA VAL A 8 9.36 4.01 -5.16
C VAL A 8 10.20 5.04 -4.39
N SER A 9 10.42 6.21 -5.00
CA SER A 9 10.96 7.39 -4.32
C SER A 9 9.83 8.10 -3.60
N CYS A 10 9.70 7.90 -2.29
CA CYS A 10 8.47 8.33 -1.58
C CYS A 10 8.26 9.84 -1.51
N LEU A 11 9.33 10.57 -1.17
CA LEU A 11 9.25 12.02 -1.17
C LEU A 11 9.07 12.60 -2.57
N ALA A 12 9.80 12.10 -3.57
CA ALA A 12 9.60 12.61 -4.93
C ALA A 12 8.15 12.52 -5.40
N ASN A 13 7.49 11.44 -4.98
CA ASN A 13 6.11 11.13 -5.35
C ASN A 13 5.08 11.73 -4.42
N ALA A 14 5.56 12.52 -3.44
CA ALA A 14 4.71 13.15 -2.40
C ALA A 14 3.85 12.17 -1.59
N LEU A 15 4.45 11.04 -1.22
CA LEU A 15 3.68 9.95 -0.62
C LEU A 15 3.63 10.02 0.90
N LEU A 16 4.51 10.82 1.48
CA LEU A 16 4.64 10.85 2.93
C LEU A 16 4.51 12.26 3.50
N ASN A 17 3.80 12.39 4.62
CA ASN A 17 3.85 13.65 5.39
C ASN A 17 5.17 13.72 6.13
N LEU A 18 5.72 14.93 6.20
CA LEU A 18 6.98 15.12 6.93
C LEU A 18 6.78 16.06 8.08
N ARG A 19 7.42 15.76 9.20
CA ARG A 19 7.38 16.60 10.35
C ARG A 19 8.72 16.64 11.03
N SER A 20 9.32 17.83 11.08
CA SER A 20 10.57 18.04 11.83
C SER A 20 10.31 18.45 13.26
N SER A 21 11.29 18.14 14.10
CA SER A 21 11.32 18.59 15.52
C SER A 21 11.36 20.13 15.60
N THR A 22 12.37 20.74 14.96
CA THR A 22 12.45 22.21 14.83
C THR A 22 12.97 22.55 13.40
N ASP A 23 12.74 23.79 12.96
CA ASP A 23 13.28 24.32 11.71
C ASP A 23 14.00 25.60 12.08
N TYR A 24 15.13 25.86 11.43
CA TYR A 24 15.83 27.15 11.60
C TYR A 24 14.89 28.31 11.38
N ASN A 25 14.11 28.19 10.31
CA ASN A 25 12.86 28.95 10.12
C ASN A 25 12.14 28.26 8.93
N ALA A 26 11.04 28.84 8.42
CA ALA A 26 10.23 28.12 7.43
C ALA A 26 11.02 27.98 6.13
N ASP A 27 11.94 28.93 5.92
CA ASP A 27 12.82 28.85 4.75
C ASP A 27 13.88 27.77 4.86
N HIS A 28 13.91 27.07 5.99
CA HIS A 28 14.76 25.87 6.17
C HIS A 28 13.95 24.60 6.51
N GLY A 29 12.69 24.56 6.09
CA GLY A 29 11.72 23.56 6.53
C GLY A 29 11.88 22.25 5.80
N VAL A 30 11.18 21.22 6.27
CA VAL A 30 11.23 19.88 5.60
C VAL A 30 10.84 19.91 4.13
N LYS A 31 10.04 20.91 3.73
CA LYS A 31 9.65 21.06 2.33
C LYS A 31 10.84 21.22 1.41
N ASN A 32 11.99 21.59 1.99
CA ASN A 32 13.24 21.76 1.26
C ASN A 32 14.18 20.56 1.36
N SER A 33 13.69 19.41 1.84
CA SER A 33 14.60 18.31 2.20
C SER A 33 14.74 17.20 1.14
N ILE A 34 14.10 17.31 -0.02
CA ILE A 34 14.18 16.16 -0.91
C ILE A 34 15.57 16.04 -1.48
N LEU A 35 16.02 14.80 -1.59
CA LEU A 35 17.27 14.46 -2.25
C LEU A 35 17.47 15.27 -3.49
N ASN A 36 18.66 15.85 -3.63
CA ASN A 36 19.02 16.70 -4.79
C ASN A 36 18.23 17.99 -4.99
N PHE A 37 17.46 18.42 -3.99
CA PHE A 37 16.73 19.69 -4.05
C PHE A 37 17.67 20.85 -4.36
N SER A 38 17.27 21.69 -5.31
CA SER A 38 18.06 22.87 -5.58
C SER A 38 17.15 23.96 -6.07
N ASN A 39 17.46 25.20 -5.71
CA ASN A 39 16.59 26.29 -6.10
C ASN A 39 17.38 27.35 -6.85
N SER A 40 17.01 28.61 -6.72
CA SER A 40 17.66 29.63 -7.52
C SER A 40 19.09 29.85 -7.08
N LYS A 41 20.00 29.93 -8.05
CA LYS A 41 21.42 30.12 -7.74
C LYS A 41 21.77 31.59 -7.56
N ASP A 42 20.74 32.43 -7.55
CA ASP A 42 20.85 33.86 -7.29
C ASP A 42 21.39 34.19 -5.90
N ALA A 43 22.56 34.83 -5.84
CA ALA A 43 23.20 35.16 -4.55
C ALA A 43 22.59 36.39 -3.88
N SER A 44 21.72 37.10 -4.58
CA SER A 44 21.21 38.35 -4.04
C SER A 44 19.89 38.23 -3.29
N ARG A 45 19.24 37.06 -3.40
CA ARG A 45 17.94 36.81 -2.76
C ARG A 45 17.92 35.40 -2.18
N PHE A 46 17.50 35.28 -0.94
CA PHE A 46 17.39 33.97 -0.32
C PHE A 46 16.01 33.38 -0.56
N ASP A 47 15.96 32.26 -1.29
CA ASP A 47 14.73 31.50 -1.53
C ASP A 47 14.59 30.24 -0.65
N GLY A 48 15.46 30.10 0.35
CA GLY A 48 15.42 28.96 1.24
C GLY A 48 16.66 28.11 1.14
N SER A 49 16.99 27.42 2.24
CA SER A 49 18.12 26.51 2.21
C SER A 49 17.85 25.32 1.25
N GLU A 50 18.90 24.78 0.63
CA GLU A 50 18.77 23.50 -0.09
C GLU A 50 18.95 22.35 0.91
N SER A 51 18.01 22.30 1.88
CA SER A 51 18.02 21.28 2.93
C SER A 51 16.87 21.63 3.90
N TRP A 52 16.45 20.65 4.71
CA TRP A 52 15.92 20.96 6.01
C TRP A 52 17.12 21.33 6.92
N SER A 53 16.95 22.35 7.76
CA SER A 53 17.93 22.66 8.81
C SER A 53 17.17 22.84 10.10
N SER A 54 17.68 22.23 11.16
CA SER A 54 17.03 22.38 12.45
C SER A 54 17.24 23.76 13.01
N SER A 55 16.52 24.08 14.08
CA SER A 55 16.79 25.33 14.81
C SER A 55 17.66 25.01 16.03
N VAL A 56 17.26 24.00 16.79
CA VAL A 56 18.04 23.61 17.96
C VAL A 56 19.16 22.70 17.49
N LEU A 57 20.39 22.93 17.98
CA LEU A 57 21.48 22.00 17.69
C LEU A 57 21.72 21.12 18.90
N ASP A 58 21.19 19.91 18.86
CA ASP A 58 21.43 18.93 19.91
C ASP A 58 21.24 17.53 19.31
N LYS A 59 21.18 16.50 20.14
CA LYS A 59 21.07 15.11 19.62
C LYS A 59 19.62 14.62 19.59
N ASN A 60 18.68 15.56 19.69
CA ASN A 60 17.26 15.24 19.87
C ASN A 60 16.37 15.71 18.70
N GLN A 61 16.98 16.08 17.58
CA GLN A 61 16.25 16.61 16.42
C GLN A 61 15.96 15.47 15.46
N PHE A 62 14.96 15.65 14.59
CA PHE A 62 14.53 14.57 13.70
C PHE A 62 13.60 15.10 12.64
N ILE A 63 13.41 14.28 11.60
CA ILE A 63 12.25 14.37 10.73
C ILE A 63 11.49 13.04 10.83
N VAL A 64 10.20 13.10 11.09
CA VAL A 64 9.31 11.94 10.96
C VAL A 64 8.66 11.95 9.58
N ALA A 65 8.61 10.80 8.91
CA ALA A 65 7.88 10.66 7.64
C ALA A 65 6.78 9.64 7.85
N GLY A 66 5.57 9.95 7.43
CA GLY A 66 4.48 9.04 7.72
C GLY A 66 3.36 9.04 6.73
N SER A 67 2.63 7.92 6.71
CA SER A 67 1.31 7.87 6.08
C SER A 67 0.64 6.62 6.60
N ASP A 68 -0.61 6.43 6.22
CA ASP A 68 -1.43 5.30 6.70
C ASP A 68 -1.04 3.93 6.20
N SER A 69 -0.35 3.88 5.07
CA SER A 69 -0.04 2.61 4.44
C SER A 69 1.14 1.96 5.10
N VAL A 70 1.17 0.63 5.03
CA VAL A 70 2.30 -0.11 5.57
C VAL A 70 3.30 -0.11 4.46
N LYS A 71 4.48 0.44 4.70
CA LYS A 71 5.50 0.52 3.69
C LYS A 71 6.54 -0.49 4.04
N HIS A 72 7.17 -1.01 3.01
CA HIS A 72 8.36 -1.82 3.14
C HIS A 72 9.54 -1.00 2.60
N PHE A 73 10.29 -0.41 3.54
CA PHE A 73 11.37 0.49 3.20
C PHE A 73 12.59 -0.35 2.90
N VAL A 74 13.16 -0.16 1.72
CA VAL A 74 14.30 -0.91 1.25
C VAL A 74 15.60 -0.09 1.28
N ALA A 75 15.47 1.24 1.35
CA ALA A 75 16.66 2.09 1.48
C ALA A 75 16.32 3.48 1.96
N ILE A 76 17.34 4.13 2.51
CA ILE A 76 17.29 5.55 2.78
C ILE A 76 18.56 6.18 2.21
N SER A 77 18.41 7.32 1.55
CA SER A 77 19.55 8.11 1.09
C SER A 77 19.55 9.48 1.77
N THR A 78 20.73 9.93 2.19
CA THR A 78 20.92 11.29 2.74
C THR A 78 22.07 12.03 2.05
N GLN A 79 22.00 13.34 2.13
CA GLN A 79 22.86 14.24 1.42
C GLN A 79 22.95 15.46 2.35
N GLY A 80 23.99 16.28 2.19
CA GLY A 80 24.09 17.49 3.00
C GLY A 80 23.31 18.60 2.36
N ARG A 81 23.63 19.82 2.81
CA ARG A 81 22.99 21.00 2.30
C ARG A 81 23.62 21.49 0.96
N GLY A 82 22.80 21.85 -0.02
CA GLY A 82 23.34 22.18 -1.33
C GLY A 82 23.99 23.56 -1.38
N ASP A 83 23.49 24.52 -0.60
CA ASP A 83 23.93 25.92 -0.75
C ASP A 83 24.84 26.48 0.34
N HIS A 84 25.19 25.67 1.35
CA HIS A 84 26.09 26.12 2.41
C HIS A 84 26.77 24.90 3.00
N ASP A 85 27.95 25.08 3.58
CA ASP A 85 28.71 23.96 4.16
C ASP A 85 28.13 23.40 5.46
N GLN A 86 27.04 22.66 5.34
CA GLN A 86 26.41 22.03 6.50
C GLN A 86 25.90 20.67 6.04
N TRP A 87 26.04 19.69 6.89
CA TRP A 87 25.59 18.30 6.59
C TRP A 87 25.60 17.45 7.85
N VAL A 88 24.77 16.40 7.86
CA VAL A 88 24.66 15.51 8.99
C VAL A 88 25.69 14.41 8.79
N THR A 89 26.52 14.14 9.80
CA THR A 89 27.60 13.17 9.64
C THR A 89 27.29 11.79 10.21
N SER A 90 26.32 11.69 11.10
CA SER A 90 25.80 10.40 11.53
C SER A 90 24.37 10.57 12.03
N TYR A 91 23.62 9.47 11.98
CA TYR A 91 22.28 9.47 12.56
C TYR A 91 21.83 8.09 13.07
N LYS A 92 20.68 8.11 13.75
CA LYS A 92 19.96 6.90 14.15
C LYS A 92 18.59 6.90 13.43
N LEU A 93 17.95 5.74 13.38
CA LEU A 93 16.62 5.58 12.75
C LEU A 93 15.70 4.88 13.74
N ARG A 94 14.45 5.31 13.78
CA ARG A 94 13.44 4.65 14.64
C ARG A 94 12.22 4.51 13.74
N TYR A 95 11.38 3.52 14.01
CA TYR A 95 10.18 3.36 13.19
C TYR A 95 9.10 2.67 13.97
N THR A 96 7.93 2.66 13.38
CA THR A 96 6.72 2.12 13.99
C THR A 96 5.77 1.56 12.92
N LEU A 97 5.17 0.42 13.24
CA LEU A 97 4.16 -0.16 12.39
C LEU A 97 2.76 0.24 12.84
N ASP A 98 2.53 0.26 14.14
CA ASP A 98 1.17 0.51 14.65
C ASP A 98 0.93 1.96 15.10
N ASN A 99 2.00 2.76 15.01
CA ASN A 99 1.97 4.18 15.40
C ASN A 99 1.72 4.40 16.87
N VAL A 100 2.00 3.35 17.65
CA VAL A 100 1.89 3.42 19.11
C VAL A 100 3.23 3.01 19.70
N ASN A 101 3.76 1.92 19.15
CA ASN A 101 5.02 1.33 19.58
C ASN A 101 6.14 1.57 18.58
N TRP A 102 7.17 2.28 19.04
CA TRP A 102 8.29 2.71 18.21
C TRP A 102 9.48 1.80 18.48
N VAL A 103 10.20 1.44 17.43
CA VAL A 103 11.39 0.64 17.62
C VAL A 103 12.62 1.31 17.04
N GLU A 104 13.75 1.00 17.64
CA GLU A 104 15.02 1.53 17.25
C GLU A 104 15.64 0.60 16.20
N TYR A 105 16.02 1.13 15.06
CA TYR A 105 16.56 0.31 14.00
C TYR A 105 17.89 -0.27 14.47
N ASN A 106 18.07 -1.58 14.30
CA ASN A 106 19.33 -2.25 14.68
C ASN A 106 19.85 -1.83 16.06
N ASN A 107 18.96 -1.89 17.05
CA ASN A 107 19.23 -1.47 18.45
C ASN A 107 19.86 -0.08 18.69
N GLY A 108 19.50 0.86 17.82
CA GLY A 108 20.00 2.24 17.93
C GLY A 108 21.39 2.37 17.36
N GLU A 109 21.65 1.62 16.30
CA GLU A 109 22.86 1.78 15.54
C GLU A 109 23.02 3.23 15.07
N ILE A 110 24.22 3.77 15.27
CA ILE A 110 24.62 5.05 14.72
C ILE A 110 25.16 4.82 13.31
N ILE A 111 24.45 5.33 12.33
CA ILE A 111 24.81 5.12 10.95
C ILE A 111 25.72 6.26 10.47
N ASN A 112 26.83 5.92 9.82
CA ASN A 112 27.75 6.92 9.30
C ASN A 112 27.14 7.54 8.04
N ALA A 113 27.11 8.87 7.98
CA ALA A 113 26.38 9.54 6.91
C ALA A 113 27.29 10.40 6.04
N ASN A 114 26.98 11.69 5.92
CA ASN A 114 27.61 12.55 4.92
C ASN A 114 28.89 13.22 5.36
N LYS A 115 29.68 13.67 4.38
CA LYS A 115 30.96 14.34 4.59
C LYS A 115 31.17 15.52 3.67
N ASP A 116 30.09 15.96 2.99
CA ASP A 116 30.15 17.11 2.11
C ASP A 116 28.74 17.59 1.77
N ARG A 117 28.61 18.57 0.87
CA ARG A 117 27.28 19.06 0.48
C ARG A 117 26.42 18.08 -0.31
N ASN A 118 27.02 17.38 -1.29
CA ASN A 118 26.24 16.82 -2.37
C ASN A 118 26.26 15.32 -2.57
N SER A 119 27.23 14.64 -1.99
CA SER A 119 27.36 13.22 -2.21
C SER A 119 26.29 12.50 -1.45
N ILE A 120 25.72 11.51 -2.13
CA ILE A 120 24.62 10.77 -1.57
C ILE A 120 25.14 9.55 -0.84
N VAL A 121 24.70 9.35 0.40
CA VAL A 121 25.01 8.15 1.16
C VAL A 121 23.75 7.33 1.35
N THR A 122 23.80 6.06 0.91
CA THR A 122 22.59 5.21 0.89
C THR A 122 22.75 3.98 1.76
N ILE A 123 21.79 3.79 2.66
CA ILE A 123 21.72 2.61 3.52
C ILE A 123 20.63 1.69 2.99
N ASN A 124 20.95 0.40 2.83
CA ASN A 124 19.98 -0.61 2.36
C ASN A 124 19.46 -1.48 3.48
N PHE A 125 18.17 -1.76 3.44
CA PHE A 125 17.56 -2.57 4.48
C PHE A 125 17.24 -3.99 3.95
N ASN A 126 17.86 -5.00 4.56
CA ASN A 126 17.49 -6.39 4.32
C ASN A 126 17.40 -7.10 5.67
N PRO A 127 16.20 -7.55 6.06
CA PRO A 127 14.94 -7.39 5.31
C PRO A 127 14.47 -5.90 5.28
N PRO A 128 13.50 -5.56 4.42
CA PRO A 128 12.88 -4.22 4.44
C PRO A 128 12.33 -3.83 5.81
N ILE A 129 12.43 -2.55 6.17
CA ILE A 129 11.83 -2.06 7.40
C ILE A 129 10.34 -1.93 7.08
N LYS A 130 9.51 -2.56 7.90
CA LYS A 130 8.07 -2.53 7.67
C LYS A 130 7.44 -1.54 8.64
N ALA A 131 6.88 -0.46 8.11
CA ALA A 131 6.54 0.68 8.94
C ALA A 131 5.47 1.56 8.32
N ARG A 132 4.69 2.21 9.17
CA ARG A 132 3.83 3.32 8.74
C ARG A 132 4.54 4.68 8.86
N SER A 133 5.39 4.84 9.86
CA SER A 133 6.17 6.06 10.06
C SER A 133 7.59 5.68 10.44
N ILE A 134 8.52 6.56 10.09
CA ILE A 134 9.92 6.33 10.26
C ILE A 134 10.53 7.69 10.55
N ALA A 135 11.57 7.73 11.38
CA ALA A 135 12.16 9.00 11.81
C ALA A 135 13.65 8.89 11.69
N ILE A 136 14.25 9.92 11.10
CA ILE A 136 15.71 10.05 11.06
C ILE A 136 16.13 10.98 12.20
N HIS A 137 17.10 10.53 12.98
CA HIS A 137 17.60 11.25 14.16
C HIS A 137 19.07 11.53 14.02
N PRO A 138 19.40 12.70 13.44
CA PRO A 138 20.80 13.11 13.34
C PRO A 138 21.49 13.10 14.69
N GLN A 139 22.72 12.60 14.73
CA GLN A 139 23.48 12.53 15.99
C GLN A 139 24.68 13.48 16.00
N THR A 140 25.38 13.55 14.87
CA THR A 140 26.50 14.47 14.72
C THR A 140 26.39 15.21 13.39
N TYR A 141 27.07 16.36 13.28
CA TYR A 141 26.90 17.21 12.10
C TYR A 141 28.12 18.10 11.88
N ASN A 142 28.28 18.56 10.64
CA ASN A 142 29.22 19.59 10.31
C ASN A 142 28.45 20.88 10.24
N ASN A 143 28.74 21.79 11.15
CA ASN A 143 28.24 23.16 11.13
C ASN A 143 26.78 23.29 11.60
N HIS A 144 25.88 22.53 10.96
CA HIS A 144 24.49 22.58 11.36
C HIS A 144 23.86 21.24 11.02
N ILE A 145 22.79 20.91 11.72
CA ILE A 145 21.93 19.78 11.39
C ILE A 145 21.17 20.17 10.12
N SER A 146 21.71 19.82 8.95
CA SER A 146 21.07 20.14 7.68
C SER A 146 21.16 18.92 6.77
N LEU A 147 20.04 18.56 6.12
CA LEU A 147 20.06 17.38 5.27
C LEU A 147 19.06 17.44 4.15
N ARG A 148 19.38 16.68 3.12
CA ARG A 148 18.43 16.28 2.12
C ARG A 148 18.33 14.75 2.17
N TRP A 149 17.21 14.20 1.73
CA TRP A 149 17.00 12.76 1.87
C TRP A 149 15.92 12.23 0.95
N GLU A 150 15.95 10.91 0.78
CA GLU A 150 14.91 10.17 0.12
C GLU A 150 14.70 8.80 0.79
N LEU A 151 13.44 8.36 0.84
CA LEU A 151 13.09 7.06 1.36
C LEU A 151 12.62 6.21 0.18
N TYR A 152 13.10 4.96 0.10
CA TYR A 152 12.72 4.10 -1.03
C TYR A 152 11.94 2.90 -0.51
N ALA A 153 10.74 2.69 -1.08
CA ALA A 153 9.87 1.60 -0.62
C ALA A 153 9.54 0.67 -1.79
N LEU A 154 9.14 -0.56 -1.49
CA LEU A 154 8.67 -1.45 -2.53
C LEU A 154 7.41 -0.87 -3.16
N PRO A 155 7.22 -1.06 -4.48
CA PRO A 155 5.95 -0.61 -5.07
C PRO A 155 4.79 -1.43 -4.53
N VAL A 156 3.60 -0.84 -4.52
CA VAL A 156 2.37 -1.48 -4.09
C VAL A 156 2.06 -2.62 -5.08
N LYS A 157 1.52 -3.71 -4.57
CA LYS A 157 1.20 -4.86 -5.41
C LYS A 157 -0.15 -4.63 -6.10
N SER A 158 -0.30 -5.18 -7.30
CA SER A 158 -1.60 -5.13 -8.01
C SER A 158 -2.78 -5.61 -7.16
N TYR A 159 -2.52 -6.54 -6.26
CA TYR A 159 -3.57 -7.15 -5.43
C TYR A 159 -3.93 -6.41 -4.13
N SER A 160 -3.34 -5.24 -3.88
CA SER A 160 -3.55 -4.56 -2.57
C SER A 160 -4.78 -3.68 -2.54
N ASN A 161 -5.34 -3.52 -1.35
CA ASN A 161 -6.49 -2.63 -1.17
C ASN A 161 -7.64 -2.91 -2.13
N PRO A 162 -8.08 -4.18 -2.22
CA PRO A 162 -9.18 -4.49 -3.11
C PRO A 162 -10.51 -4.03 -2.51
N SER A 163 -11.48 -3.78 -3.37
CA SER A 163 -12.83 -3.50 -2.95
C SER A 163 -13.62 -4.82 -3.02
N VAL A 164 -14.61 -4.97 -2.15
CA VAL A 164 -15.34 -6.23 -2.00
C VAL A 164 -16.84 -6.02 -1.84
N GLN A 165 -17.63 -6.85 -2.51
CA GLN A 165 -19.09 -6.86 -2.31
C GLN A 165 -19.53 -8.31 -2.18
N VAL A 166 -20.56 -8.55 -1.39
CA VAL A 166 -20.98 -9.91 -1.09
C VAL A 166 -22.48 -10.10 -1.21
N GLY A 167 -22.87 -11.35 -1.40
CA GLY A 167 -24.26 -11.68 -1.52
C GLY A 167 -24.45 -13.18 -1.56
N GLU A 168 -25.69 -13.54 -1.81
CA GLU A 168 -26.04 -14.95 -1.92
C GLU A 168 -27.02 -15.11 -3.06
N VAL A 169 -27.01 -16.30 -3.66
CA VAL A 169 -27.86 -16.54 -4.80
C VAL A 169 -28.29 -18.03 -4.80
N SER A 170 -29.58 -18.25 -5.05
CA SER A 170 -30.20 -19.57 -5.01
C SER A 170 -30.94 -19.79 -6.31
N ILE A 171 -31.23 -21.05 -6.65
CA ILE A 171 -32.11 -21.34 -7.80
C ILE A 171 -33.53 -20.82 -7.47
N GLY A 172 -34.02 -21.18 -6.29
CA GLY A 172 -35.26 -20.64 -5.73
C GLY A 172 -36.53 -21.22 -6.31
N ASP A 173 -36.39 -22.13 -7.27
CA ASP A 173 -37.52 -22.86 -7.85
C ASP A 173 -37.11 -24.23 -8.38
N ARG A 174 -38.05 -24.92 -9.06
CA ARG A 174 -37.80 -26.32 -9.46
C ARG A 174 -37.26 -26.48 -10.87
N SER A 175 -36.57 -25.46 -11.37
CA SER A 175 -36.02 -25.45 -12.76
C SER A 175 -35.11 -26.61 -13.12
N LEU A 176 -34.32 -27.03 -12.13
CA LEU A 176 -33.36 -28.09 -12.37
C LEU A 176 -33.84 -29.41 -11.79
N ASN A 177 -35.10 -29.44 -11.33
CA ASN A 177 -35.61 -30.59 -10.58
C ASN A 177 -36.13 -31.78 -11.41
N SER A 178 -35.83 -31.81 -12.71
CA SER A 178 -36.35 -32.85 -13.61
C SER A 178 -35.53 -32.79 -14.87
N GLY A 179 -35.56 -33.86 -15.67
CA GLY A 179 -34.95 -33.82 -17.00
C GLY A 179 -33.69 -34.63 -17.10
N THR A 180 -33.12 -34.64 -18.28
CA THR A 180 -32.02 -35.52 -18.57
C THR A 180 -30.97 -34.75 -19.35
N GLY A 181 -29.71 -35.10 -19.13
CA GLY A 181 -28.60 -34.50 -19.88
C GLY A 181 -28.23 -33.15 -19.24
N SER A 182 -27.29 -32.44 -19.87
CA SER A 182 -26.83 -31.12 -19.40
C SER A 182 -27.99 -30.16 -19.29
N ARG A 183 -28.21 -29.65 -18.09
CA ARG A 183 -29.30 -28.70 -17.84
C ARG A 183 -28.78 -27.55 -16.96
N THR A 184 -29.16 -26.34 -17.30
CA THR A 184 -28.66 -25.17 -16.55
C THR A 184 -29.80 -24.20 -16.33
N ILE A 185 -29.66 -23.37 -15.32
CA ILE A 185 -30.46 -22.19 -15.22
C ILE A 185 -29.56 -21.06 -14.76
N VAL A 186 -29.87 -19.85 -15.22
CA VAL A 186 -29.06 -18.68 -14.92
C VAL A 186 -29.87 -17.76 -14.03
N ARG A 187 -29.27 -17.38 -12.90
CA ARG A 187 -29.84 -16.32 -12.06
C ARG A 187 -28.98 -15.07 -12.25
N HIS A 188 -29.58 -13.95 -12.65
N HIS A 188 -29.62 -13.96 -12.60
CA HIS A 188 -28.80 -12.71 -12.72
CA HIS A 188 -28.93 -12.67 -12.73
C HIS A 188 -28.77 -12.00 -11.37
C HIS A 188 -28.79 -12.00 -11.35
N VAL A 189 -27.57 -11.57 -11.00
CA VAL A 189 -27.32 -10.97 -9.70
C VAL A 189 -26.84 -9.53 -9.91
N LYS A 190 -27.53 -8.56 -9.30
CA LYS A 190 -27.05 -7.18 -9.28
C LYS A 190 -26.30 -6.95 -7.99
N PHE A 191 -25.07 -6.42 -8.10
CA PHE A 191 -24.32 -5.94 -6.91
C PHE A 191 -25.09 -4.79 -6.28
N PRO A 192 -25.06 -4.69 -4.95
CA PRO A 192 -25.77 -3.60 -4.29
C PRO A 192 -25.35 -2.23 -4.82
N VAL A 193 -24.05 -2.07 -5.11
CA VAL A 193 -23.53 -0.86 -5.74
C VAL A 193 -22.68 -1.22 -6.96
N GLU A 194 -22.78 -0.44 -8.03
CA GLU A 194 -21.93 -0.63 -9.21
C GLU A 194 -20.44 -0.41 -8.90
N PHE A 195 -19.59 -1.34 -9.34
CA PHE A 195 -18.12 -1.21 -9.29
C PHE A 195 -17.62 -0.23 -10.35
N LEU A 196 -16.38 0.24 -10.17
CA LEU A 196 -15.73 1.13 -11.15
C LEU A 196 -15.03 0.39 -12.28
N SER A 197 -14.58 -0.85 -12.01
CA SER A 197 -14.10 -1.77 -13.04
C SER A 197 -14.71 -3.17 -12.78
N VAL A 198 -14.44 -4.13 -13.68
CA VAL A 198 -15.11 -5.43 -13.64
C VAL A 198 -14.40 -6.27 -12.58
N PRO A 199 -15.15 -6.76 -11.58
CA PRO A 199 -14.55 -7.56 -10.52
C PRO A 199 -14.36 -9.03 -10.93
N ILE A 200 -13.66 -9.80 -10.11
CA ILE A 200 -13.74 -11.25 -10.21
C ILE A 200 -14.88 -11.63 -9.27
N VAL A 201 -15.52 -12.78 -9.49
CA VAL A 201 -16.55 -13.25 -8.54
C VAL A 201 -16.25 -14.68 -8.06
N SER A 202 -15.97 -14.85 -6.77
CA SER A 202 -15.72 -16.15 -6.19
C SER A 202 -16.99 -16.65 -5.53
N ILE A 203 -17.21 -17.96 -5.59
CA ILE A 203 -18.46 -18.58 -5.12
C ILE A 203 -18.16 -19.84 -4.32
N GLY A 204 -19.02 -20.11 -3.36
CA GLY A 204 -18.98 -21.32 -2.55
C GLY A 204 -20.40 -21.74 -2.19
N CYS A 205 -20.64 -23.05 -2.25
CA CYS A 205 -21.95 -23.61 -1.96
C CYS A 205 -22.26 -23.63 -0.45
N LYS A 206 -23.47 -23.23 -0.10
CA LYS A 206 -23.91 -23.35 1.30
C LYS A 206 -25.26 -24.05 1.47
N LYS A 207 -25.82 -24.56 0.37
CA LYS A 207 -27.01 -25.44 0.42
C LYS A 207 -27.10 -26.35 -0.78
N VAL A 208 -27.28 -27.64 -0.50
CA VAL A 208 -27.59 -28.64 -1.51
C VAL A 208 -28.91 -29.34 -1.15
N ASP A 209 -29.84 -29.30 -2.10
CA ASP A 209 -31.10 -30.05 -2.05
C ASP A 209 -31.24 -30.71 -3.42
N ALA A 210 -30.73 -31.94 -3.52
CA ALA A 210 -30.59 -32.59 -4.82
C ALA A 210 -30.73 -34.10 -4.71
N HIS A 211 -31.19 -34.71 -5.79
CA HIS A 211 -31.31 -36.16 -5.86
C HIS A 211 -30.16 -36.76 -6.67
N THR A 212 -29.58 -37.84 -6.15
CA THR A 212 -28.61 -38.66 -6.90
C THR A 212 -29.26 -39.33 -8.11
N ASP A 213 -28.43 -39.70 -9.08
CA ASP A 213 -28.86 -40.39 -10.28
C ASP A 213 -28.09 -41.71 -10.26
N ASN A 214 -28.79 -42.77 -9.86
CA ASN A 214 -28.14 -44.08 -9.64
C ASN A 214 -26.92 -43.93 -8.72
N GLY A 215 -27.09 -43.24 -7.59
CA GLY A 215 -25.95 -42.96 -6.71
C GLY A 215 -24.97 -41.82 -7.02
N GLN A 216 -24.98 -41.27 -8.25
CA GLN A 216 -24.05 -40.17 -8.63
C GLN A 216 -24.68 -38.82 -8.30
N MET A 217 -23.97 -37.98 -7.56
CA MET A 217 -24.37 -36.57 -7.36
C MET A 217 -23.62 -35.70 -8.37
N ARG A 218 -24.35 -34.82 -9.05
CA ARG A 218 -23.80 -33.91 -10.05
C ARG A 218 -24.39 -32.51 -9.87
N TRP A 219 -23.58 -31.56 -9.44
CA TRP A 219 -24.03 -30.15 -9.37
C TRP A 219 -22.80 -29.28 -9.56
N GLU A 220 -23.03 -28.12 -10.13
CA GLU A 220 -21.98 -27.14 -10.30
C GLU A 220 -22.57 -25.74 -10.34
N GLY A 221 -21.80 -24.76 -9.89
CA GLY A 221 -22.19 -23.35 -10.03
C GLY A 221 -21.03 -22.66 -10.74
N LYS A 222 -21.35 -21.67 -11.56
CA LYS A 222 -20.33 -20.88 -12.26
C LYS A 222 -20.80 -19.43 -12.23
N SER A 223 -19.89 -18.51 -11.92
CA SER A 223 -20.15 -17.08 -12.15
C SER A 223 -19.67 -16.75 -13.56
N GLU A 224 -20.50 -16.04 -14.32
CA GLU A 224 -20.26 -15.79 -15.74
C GLU A 224 -20.75 -14.40 -16.09
N ASN A 225 -20.36 -13.87 -17.25
CA ASN A 225 -20.89 -12.56 -17.73
C ASN A 225 -20.81 -11.46 -16.65
N ILE A 226 -19.65 -11.39 -15.99
CA ILE A 226 -19.43 -10.45 -14.89
C ILE A 226 -19.23 -9.08 -15.52
N THR A 227 -20.00 -8.10 -15.06
CA THR A 227 -19.80 -6.71 -15.43
C THR A 227 -19.64 -5.87 -14.14
N THR A 228 -19.54 -4.55 -14.30
CA THR A 228 -19.45 -3.64 -13.14
C THR A 228 -20.74 -3.67 -12.34
N LYS A 229 -21.85 -4.07 -12.98
CA LYS A 229 -23.19 -4.02 -12.37
C LYS A 229 -23.63 -5.32 -11.70
N GLY A 230 -23.12 -6.45 -12.21
CA GLY A 230 -23.52 -7.72 -11.64
C GLY A 230 -22.92 -8.88 -12.38
N PHE A 231 -23.54 -10.05 -12.21
CA PHE A 231 -23.07 -11.22 -12.94
C PHE A 231 -24.18 -12.26 -13.02
N ASP A 232 -23.92 -13.31 -13.80
CA ASP A 232 -24.83 -14.44 -13.89
C ASP A 232 -24.27 -15.65 -13.12
N LEU A 233 -25.06 -16.21 -12.20
CA LEU A 233 -24.71 -17.47 -11.60
C LEU A 233 -25.43 -18.51 -12.44
N THR A 234 -24.64 -19.28 -13.18
CA THR A 234 -25.18 -20.40 -13.92
C THR A 234 -25.15 -21.64 -13.04
N PHE A 235 -26.33 -22.15 -12.67
CA PHE A 235 -26.49 -23.40 -11.91
C PHE A 235 -26.55 -24.53 -12.93
N ILE A 236 -25.79 -25.60 -12.71
CA ILE A 236 -25.61 -26.66 -13.72
C ILE A 236 -25.81 -28.06 -13.10
N THR A 237 -26.59 -28.92 -13.78
CA THR A 237 -26.60 -30.34 -13.46
C THR A 237 -26.51 -31.12 -14.77
N TRP A 238 -26.19 -32.40 -14.70
CA TRP A 238 -26.12 -33.20 -15.93
C TRP A 238 -26.44 -34.66 -15.58
N GLY A 239 -26.22 -35.59 -16.51
CA GLY A 239 -26.86 -36.91 -16.41
C GLY A 239 -28.36 -36.75 -16.12
N ASN A 240 -28.88 -37.54 -15.19
CA ASN A 240 -30.29 -37.47 -14.85
C ASN A 240 -30.57 -36.98 -13.43
N ASN A 241 -29.68 -36.17 -12.87
CA ASN A 241 -29.91 -35.67 -11.50
C ASN A 241 -31.02 -34.65 -11.50
N ALA A 242 -31.77 -34.64 -10.41
CA ALA A 242 -32.84 -33.69 -10.14
C ALA A 242 -32.36 -32.81 -8.99
N VAL A 243 -32.10 -31.54 -9.29
CA VAL A 243 -31.64 -30.58 -8.29
C VAL A 243 -32.84 -29.75 -7.90
N TYR A 244 -33.23 -29.84 -6.63
CA TYR A 244 -34.38 -29.14 -6.05
C TYR A 244 -34.04 -27.69 -5.70
N ASP A 245 -32.87 -27.47 -5.09
CA ASP A 245 -32.34 -26.12 -4.88
C ASP A 245 -30.85 -26.19 -4.62
N LEU A 246 -30.15 -25.08 -4.91
CA LEU A 246 -28.73 -24.93 -4.57
C LEU A 246 -28.58 -23.47 -4.16
N THR A 247 -27.75 -23.19 -3.16
CA THR A 247 -27.45 -21.78 -2.77
C THR A 247 -25.92 -21.57 -2.74
N PHE A 248 -25.47 -20.45 -3.31
CA PHE A 248 -24.07 -20.00 -3.26
C PHE A 248 -23.97 -18.64 -2.55
N ASP A 249 -22.97 -18.48 -1.70
CA ASP A 249 -22.50 -17.14 -1.30
C ASP A 249 -21.50 -16.73 -2.35
N TYR A 250 -21.47 -15.44 -2.68
CA TYR A 250 -20.43 -14.99 -3.60
C TYR A 250 -19.61 -13.88 -2.96
N VAL A 251 -18.34 -13.79 -3.35
CA VAL A 251 -17.48 -12.67 -2.97
C VAL A 251 -16.95 -12.02 -4.24
N ALA A 252 -17.38 -10.78 -4.51
CA ALA A 252 -16.95 -10.10 -5.73
C ALA A 252 -15.80 -9.17 -5.30
N VAL A 253 -14.66 -9.31 -5.95
CA VAL A 253 -13.47 -8.51 -5.60
C VAL A 253 -13.02 -7.62 -6.76
N GLU A 254 -12.92 -6.31 -6.51
CA GLU A 254 -12.37 -5.36 -7.47
C GLU A 254 -10.94 -4.94 -7.10
N PHE A 255 -10.01 -5.13 -8.03
CA PHE A 255 -8.62 -4.79 -7.86
C PHE A 255 -8.27 -3.48 -8.55
N ASN A 256 -7.22 -2.82 -8.06
CA ASN A 256 -6.59 -1.71 -8.78
C ASN A 256 -7.39 -0.43 -8.82
N ASN A 257 -8.29 -0.24 -7.86
CA ASN A 257 -9.18 0.93 -7.95
C ASN A 257 -9.38 1.58 -6.59
#